data_1H8I
#
_entry.id   1H8I
#
_cell.length_a   70.393
_cell.length_b   71.301
_cell.length_c   72.416
_cell.angle_alpha   90.00
_cell.angle_beta   100.87
_cell.angle_gamma   90.00
#
_symmetry.space_group_name_H-M   'C 1 2 1'
#
loop_
_entity.id
_entity.type
_entity.pdbx_description
1 polymer THROMBIN
2 polymer 'HIRUDIN I'
3 polymer THROMBIN
4 non-polymer N-[(benzyloxy)carbonyl]-beta-phenyl-D-phenylalanyl-N-[(1S)-4-methoxy-1-phosphonobutyl]-L-prolinamide
5 water water
#
loop_
_entity_poly.entity_id
_entity_poly.type
_entity_poly.pdbx_seq_one_letter_code
_entity_poly.pdbx_strand_id
1 'polypeptide(L)'
;IVEGSDAEIGMSPWQVMLFRKSPQELLCGASLISDRWVLTAAHCLLYPPWDKNFTENDLLVRIGKHSRTRYERNIEKISM
LEKIYIHPRYNWRENLDRDIALMKLKKPVAFSDYIHPVCLPDRETAASLLQAGYKGRVTGWGNLKETWGQPSVLQVVNLP
IVERPVCKDSTRIRITDNMFCAGYKPDEGKRGDACEGDSGGPFVMKSPFNNRWYQMGIVSWGEGCDRDGKYGFYTHVFRL
KKWIQKVIDQFGE
;
H
2 'polypeptide(L)' DFEEIPEE(TYS)L I
3 'polypeptide(L)' ADCGLRPLFEKKSLEDKTERELLESYI L
#
# COMPACT_ATOMS: atom_id res chain seq x y z
N ILE A 1 0.00 -9.55 -6.10
CA ILE A 1 1.25 -10.01 -5.41
C ILE A 1 1.67 -11.36 -5.95
N VAL A 2 2.85 -11.45 -6.53
CA VAL A 2 3.43 -12.70 -7.02
C VAL A 2 4.28 -13.37 -5.98
N GLU A 3 4.15 -14.68 -5.79
CA GLU A 3 4.91 -15.44 -4.82
C GLU A 3 4.77 -14.98 -3.38
N GLY A 4 3.57 -14.53 -3.00
CA GLY A 4 3.33 -14.19 -1.59
C GLY A 4 2.58 -15.35 -0.94
N SER A 5 1.75 -15.01 0.01
CA SER A 5 0.90 -15.91 0.76
C SER A 5 -0.42 -15.26 1.12
N ASP A 6 -1.41 -16.05 1.51
CA ASP A 6 -2.66 -15.47 1.98
C ASP A 6 -2.42 -14.71 3.29
N ALA A 7 -2.95 -13.49 3.42
CA ALA A 7 -2.87 -12.80 4.69
C ALA A 7 -3.58 -13.58 5.78
N GLU A 8 -3.20 -13.35 7.05
CA GLU A 8 -4.01 -13.81 8.18
C GLU A 8 -5.15 -12.82 8.41
N ILE A 9 -6.21 -13.26 9.10
CA ILE A 9 -7.30 -12.34 9.40
C ILE A 9 -6.87 -11.19 10.31
N GLY A 10 -7.09 -9.94 9.96
CA GLY A 10 -6.69 -8.79 10.78
C GLY A 10 -5.19 -8.51 10.72
N MET A 11 -4.50 -9.11 9.70
CA MET A 11 -3.06 -8.90 9.61
C MET A 11 -2.68 -7.48 9.16
N SER A 12 -3.53 -6.92 8.29
CA SER A 12 -3.22 -5.61 7.70
C SER A 12 -4.50 -4.79 7.73
N PRO A 13 -4.89 -4.33 8.92
CA PRO A 13 -6.14 -3.66 9.17
C PRO A 13 -6.23 -2.26 8.60
N TRP A 14 -5.10 -1.73 8.14
CA TRP A 14 -5.06 -0.50 7.39
C TRP A 14 -5.24 -0.72 5.87
N GLN A 15 -5.39 -1.95 5.43
CA GLN A 15 -5.51 -2.18 3.98
C GLN A 15 -6.83 -1.64 3.45
N VAL A 16 -6.72 -0.91 2.34
CA VAL A 16 -7.93 -0.38 1.70
C VAL A 16 -7.96 -0.77 0.24
N MET A 17 -9.15 -1.18 -0.22
CA MET A 17 -9.35 -1.45 -1.64
C MET A 17 -10.01 -0.25 -2.27
N LEU A 18 -9.47 0.24 -3.37
CA LEU A 18 -10.11 1.33 -4.16
C LEU A 18 -10.94 0.55 -5.19
N PHE A 19 -12.23 0.85 -5.22
CA PHE A 19 -13.12 0.01 -6.04
C PHE A 19 -13.86 0.88 -7.03
N ARG A 20 -13.79 0.48 -8.30
CA ARG A 20 -14.50 1.29 -9.31
C ARG A 20 -15.99 0.94 -9.25
N LYS A 21 -16.85 1.94 -9.32
CA LYS A 21 -18.30 1.73 -9.24
C LYS A 21 -18.86 1.11 -10.51
N SER A 22 -18.40 1.55 -11.67
CA SER A 22 -18.88 0.96 -12.94
C SER A 22 -17.90 1.16 -14.07
N PRO A 23 -17.41 0.07 -14.64
CA PRO A 23 -17.74 -1.27 -14.22
C PRO A 23 -17.26 -1.61 -12.81
N GLN A 24 -17.88 -2.58 -12.13
CA GLN A 24 -17.44 -2.87 -10.76
C GLN A 24 -16.14 -3.65 -10.79
N GLU A 25 -15.03 -3.02 -10.34
CA GLU A 25 -13.75 -3.72 -10.39
C GLU A 25 -12.72 -3.11 -9.41
N LEU A 26 -11.68 -3.89 -9.19
CA LEU A 26 -10.57 -3.45 -8.32
C LEU A 26 -9.81 -2.36 -9.06
N LEU A 27 -9.61 -1.19 -8.42
CA LEU A 27 -8.81 -0.19 -9.17
C LEU A 27 -7.38 -0.14 -8.65
N CYS A 28 -7.22 -0.33 -7.35
CA CYS A 28 -5.86 -0.23 -6.77
C CYS A 28 -5.99 -0.60 -5.28
N GLY A 29 -4.83 -0.58 -4.60
CA GLY A 29 -4.80 -0.69 -3.13
C GLY A 29 -4.81 0.74 -2.62
N ALA A 30 -4.64 0.88 -1.31
CA ALA A 30 -4.63 2.12 -0.58
C ALA A 30 -4.50 1.78 0.91
N SER A 31 -4.31 2.79 1.73
CA SER A 31 -4.15 2.52 3.17
C SER A 31 -4.90 3.57 3.97
N LEU A 32 -5.30 3.14 5.18
CA LEU A 32 -6.07 3.98 6.09
C LEU A 32 -5.10 4.66 7.07
N ILE A 33 -5.03 5.99 7.08
CA ILE A 33 -4.04 6.65 7.95
C ILE A 33 -4.73 7.44 9.07
N SER A 34 -6.04 7.49 9.05
CA SER A 34 -6.80 8.13 10.14
C SER A 34 -8.25 7.72 9.93
N ASP A 35 -9.21 8.24 10.74
CA ASP A 35 -10.58 7.78 10.48
C ASP A 35 -11.21 8.48 9.29
N ARG A 36 -10.55 9.50 8.73
CA ARG A 36 -11.11 10.08 7.52
C ARG A 36 -10.13 10.22 6.37
N TRP A 37 -8.90 9.73 6.49
CA TRP A 37 -7.97 9.93 5.37
C TRP A 37 -7.40 8.59 4.92
N VAL A 38 -7.28 8.49 3.60
CA VAL A 38 -6.75 7.31 2.94
C VAL A 38 -5.63 7.74 2.01
N LEU A 39 -4.57 6.98 2.00
CA LEU A 39 -3.38 7.23 1.19
C LEU A 39 -3.31 6.28 0.01
N THR A 40 -2.88 6.76 -1.17
CA THR A 40 -2.74 5.86 -2.29
C THR A 40 -1.66 6.42 -3.25
N ALA A 41 -1.53 5.81 -4.40
CA ALA A 41 -0.62 6.29 -5.44
C ALA A 41 -1.40 7.23 -6.35
N ALA A 42 -0.80 8.36 -6.69
CA ALA A 42 -1.46 9.29 -7.62
C ALA A 42 -1.87 8.60 -8.90
N HIS A 43 -1.03 7.68 -9.42
CA HIS A 43 -1.34 7.08 -10.73
C HIS A 43 -2.52 6.12 -10.72
N CYS A 44 -3.01 5.73 -9.55
CA CYS A 44 -4.28 5.05 -9.41
C CYS A 44 -5.41 5.97 -9.79
N LEU A 45 -5.30 7.29 -9.66
CA LEU A 45 -6.36 8.22 -9.88
C LEU A 45 -6.12 9.03 -11.15
N LEU A 46 -4.85 9.27 -11.49
CA LEU A 46 -4.58 10.13 -12.64
C LEU A 46 -3.41 9.57 -13.42
N TYR A 47 -3.68 9.19 -14.67
CA TYR A 47 -2.61 8.67 -15.51
C TYR A 47 -3.01 8.82 -16.99
N PRO A 48 -2.81 10.04 -17.47
CA PRO A 48 -3.14 10.40 -18.87
C PRO A 48 -2.75 9.48 -19.97
N PRO A 49 -1.63 8.80 -19.99
CA PRO A 49 -1.26 7.85 -21.01
C PRO A 49 -2.24 6.70 -21.13
N TRP A 50 -2.94 6.36 -20.03
CA TRP A 50 -3.96 5.32 -20.09
C TRP A 50 -5.36 5.91 -20.10
N ASP A 51 -5.51 7.21 -20.29
CA ASP A 51 -6.80 7.89 -20.17
C ASP A 51 -7.49 7.61 -18.84
N LYS A 52 -6.71 7.64 -17.76
CA LYS A 52 -7.30 7.46 -16.43
C LYS A 52 -7.34 8.82 -15.75
N ASN A 53 -8.50 9.24 -15.24
CA ASN A 53 -8.62 10.51 -14.53
C ASN A 53 -9.92 10.42 -13.71
N PHE A 54 -9.81 9.74 -12.57
CA PHE A 54 -11.03 9.46 -11.81
C PHE A 54 -11.43 10.67 -11.00
N THR A 55 -12.75 10.84 -10.88
CA THR A 55 -13.24 11.90 -10.00
C THR A 55 -13.75 11.19 -8.73
N GLU A 56 -14.07 11.96 -7.73
CA GLU A 56 -14.56 11.45 -6.44
C GLU A 56 -15.68 10.46 -6.55
N ASN A 57 -16.68 10.79 -7.38
CA ASN A 57 -17.87 10.02 -7.63
C ASN A 57 -17.68 8.69 -8.34
N ASP A 58 -16.54 8.45 -8.97
CA ASP A 58 -16.30 7.25 -9.72
C ASP A 58 -15.87 6.06 -8.87
N LEU A 59 -15.47 6.29 -7.61
CA LEU A 59 -14.94 5.19 -6.83
C LEU A 59 -15.60 5.09 -5.44
N LEU A 60 -15.29 3.95 -4.84
CA LEU A 60 -15.62 3.75 -3.42
C LEU A 60 -14.34 3.27 -2.71
N VAL A 61 -14.29 3.43 -1.39
CA VAL A 61 -13.16 2.87 -0.62
C VAL A 61 -13.70 1.69 0.17
N ARG A 62 -13.13 0.49 0.07
CA ARG A 62 -13.63 -0.63 0.89
C ARG A 62 -12.56 -0.95 1.93
N ILE A 63 -12.92 -0.88 3.20
CA ILE A 63 -11.99 -1.04 4.30
C ILE A 63 -12.37 -2.22 5.19
N GLY A 64 -11.37 -2.91 5.69
CA GLY A 64 -11.52 -4.08 6.53
C GLY A 64 -11.73 -5.37 5.77
N LYS A 65 -11.35 -5.40 4.48
CA LYS A 65 -11.59 -6.55 3.66
C LYS A 65 -10.50 -7.62 3.80
N HIS A 66 -10.89 -8.79 3.36
CA HIS A 66 -10.02 -9.95 3.24
C HIS A 66 -10.22 -10.62 1.90
N SER A 67 -11.39 -11.23 1.67
CA SER A 67 -11.74 -11.74 0.36
C SER A 67 -11.64 -10.58 -0.66
N ARG A 68 -11.23 -10.87 -1.86
CA ARG A 68 -11.12 -9.89 -2.92
C ARG A 68 -12.49 -9.49 -3.44
N THR A 69 -13.23 -10.55 -3.75
CA THR A 69 -14.48 -10.38 -4.52
C THR A 69 -15.76 -10.37 -3.76
N ARG A 70 -15.80 -10.97 -2.56
CA ARG A 70 -17.03 -11.04 -1.78
C ARG A 70 -17.38 -9.82 -0.99
N TYR A 71 -18.69 -9.59 -0.79
CA TYR A 71 -19.17 -8.49 0.02
C TYR A 71 -19.17 -8.97 1.48
N GLU A 72 -18.15 -8.59 2.23
CA GLU A 72 -17.94 -9.10 3.59
C GLU A 72 -18.80 -8.44 4.64
N ARG A 73 -20.08 -8.90 4.59
CA ARG A 73 -21.13 -8.33 5.42
C ARG A 73 -20.76 -8.28 6.89
N ASN A 74 -20.91 -7.17 7.57
CA ASN A 74 -20.65 -6.97 8.98
C ASN A 74 -19.15 -6.86 9.30
N ILE A 75 -18.30 -6.80 8.30
CA ILE A 75 -16.85 -6.78 8.54
C ILE A 75 -16.23 -5.62 7.79
N GLU A 76 -16.51 -5.67 6.48
CA GLU A 76 -15.98 -4.53 5.70
C GLU A 76 -16.85 -3.29 5.83
N LYS A 77 -16.25 -2.13 5.61
CA LYS A 77 -16.98 -0.86 5.63
C LYS A 77 -16.72 -0.16 4.27
N ILE A 78 -17.81 0.30 3.66
CA ILE A 78 -17.67 0.92 2.34
C ILE A 78 -17.90 2.41 2.46
N SER A 79 -16.96 3.21 2.01
CA SER A 79 -16.98 4.65 2.22
C SER A 79 -16.91 5.43 0.90
N MET A 80 -17.62 6.58 0.96
CA MET A 80 -17.62 7.47 -0.19
C MET A 80 -16.55 8.54 -0.03
N LEU A 81 -16.06 9.07 -1.17
CA LEU A 81 -15.03 10.06 -1.13
C LEU A 81 -15.60 11.49 -1.11
N GLU A 82 -15.02 12.30 -0.28
CA GLU A 82 -15.38 13.73 -0.22
C GLU A 82 -14.49 14.50 -1.19
N LYS A 83 -13.18 14.15 -1.25
CA LYS A 83 -12.30 14.93 -2.14
C LYS A 83 -10.98 14.20 -2.32
N ILE A 84 -10.48 14.26 -3.52
CA ILE A 84 -9.18 13.64 -3.84
C ILE A 84 -8.14 14.73 -3.94
N TYR A 85 -6.93 14.44 -3.47
CA TYR A 85 -5.85 15.41 -3.52
C TYR A 85 -4.61 14.74 -4.12
N ILE A 86 -4.19 15.19 -5.30
CA ILE A 86 -2.97 14.58 -5.90
C ILE A 86 -1.78 15.47 -5.65
N HIS A 87 -0.58 14.90 -5.46
CA HIS A 87 0.59 15.77 -5.27
C HIS A 87 0.68 16.70 -6.47
N PRO A 88 0.93 18.00 -6.28
CA PRO A 88 0.96 18.95 -7.39
C PRO A 88 2.18 18.78 -8.28
N ARG A 89 3.22 18.12 -7.75
CA ARG A 89 4.38 17.85 -8.61
C ARG A 89 4.50 16.36 -8.91
N TYR A 90 3.40 15.61 -8.86
CA TYR A 90 3.40 14.25 -9.45
C TYR A 90 3.81 14.22 -10.91
N ASN A 91 4.80 13.44 -11.25
CA ASN A 91 5.31 13.37 -12.64
C ASN A 91 4.85 12.14 -13.37
N TRP A 92 3.65 12.19 -13.96
CA TRP A 92 3.06 11.13 -14.73
C TRP A 92 3.64 11.06 -16.15
N ARG A 93 4.28 12.17 -16.56
CA ARG A 93 4.78 12.16 -17.96
C ARG A 93 6.02 11.31 -18.13
N GLU A 94 6.83 11.18 -17.07
CA GLU A 94 8.09 10.49 -17.21
C GLU A 94 8.26 9.27 -16.32
N ASN A 95 8.39 9.51 -15.01
CA ASN A 95 8.82 8.39 -14.16
C ASN A 95 8.00 8.14 -12.93
N LEU A 96 6.80 8.72 -12.84
CA LEU A 96 5.95 8.61 -11.65
C LEU A 96 6.63 9.12 -10.38
N ASP A 97 7.47 10.13 -10.51
CA ASP A 97 8.07 10.77 -9.33
C ASP A 97 6.93 11.41 -8.52
N ARG A 98 7.01 11.30 -7.21
CA ARG A 98 5.98 11.80 -6.30
C ARG A 98 4.65 11.13 -6.54
N ASP A 99 4.62 9.79 -6.60
CA ASP A 99 3.40 9.06 -6.96
C ASP A 99 2.57 8.89 -5.68
N ILE A 100 1.83 9.95 -5.30
CA ILE A 100 1.17 9.92 -3.99
C ILE A 100 -0.10 10.75 -4.08
N ALA A 101 -1.15 10.29 -3.43
CA ALA A 101 -2.39 11.04 -3.36
C ALA A 101 -3.10 10.74 -2.06
N LEU A 102 -3.90 11.71 -1.60
CA LEU A 102 -4.78 11.49 -0.45
C LEU A 102 -6.25 11.55 -0.87
N MET A 103 -7.09 10.84 -0.11
CA MET A 103 -8.53 10.87 -0.36
C MET A 103 -9.17 11.10 1.02
N LYS A 104 -10.02 12.12 1.09
CA LYS A 104 -10.73 12.37 2.33
C LYS A 104 -12.11 11.75 2.27
N LEU A 105 -12.51 11.04 3.34
CA LEU A 105 -13.77 10.31 3.30
C LEU A 105 -14.93 11.24 3.67
N LYS A 106 -16.13 10.90 3.18
CA LYS A 106 -17.26 11.78 3.50
C LYS A 106 -17.57 11.66 4.98
N LYS A 107 -17.42 10.46 5.54
CA LYS A 107 -17.67 10.27 6.97
C LYS A 107 -16.53 9.46 7.60
N PRO A 108 -16.35 9.65 8.88
CA PRO A 108 -15.35 8.91 9.63
C PRO A 108 -15.70 7.44 9.63
N VAL A 109 -14.68 6.60 9.45
CA VAL A 109 -14.92 5.16 9.51
C VAL A 109 -14.67 4.68 10.94
N ALA A 110 -15.56 3.81 11.41
CA ALA A 110 -15.36 3.32 12.77
C ALA A 110 -14.28 2.24 12.78
N PHE A 111 -13.37 2.29 13.74
CA PHE A 111 -12.35 1.27 13.86
C PHE A 111 -12.94 -0.01 14.46
N SER A 112 -12.34 -1.14 14.16
CA SER A 112 -12.78 -2.43 14.66
C SER A 112 -11.59 -3.38 14.70
N ASP A 113 -11.82 -4.67 14.86
CA ASP A 113 -10.75 -5.67 14.84
C ASP A 113 -10.11 -5.72 13.44
N TYR A 114 -10.86 -5.30 12.42
CA TYR A 114 -10.42 -5.44 11.05
C TYR A 114 -10.02 -4.14 10.37
N ILE A 115 -10.30 -3.04 11.02
CA ILE A 115 -10.11 -1.68 10.49
C ILE A 115 -9.37 -0.80 11.47
N HIS A 116 -8.12 -0.43 11.13
CA HIS A 116 -7.27 0.30 12.08
C HIS A 116 -6.19 1.04 11.29
N PRO A 117 -5.81 2.22 11.71
CA PRO A 117 -4.86 3.00 10.91
C PRO A 117 -3.41 2.57 11.15
N VAL A 118 -2.62 2.74 10.07
CA VAL A 118 -1.18 2.51 10.13
C VAL A 118 -0.52 3.82 10.53
N CYS A 119 0.70 3.78 11.10
CA CYS A 119 1.41 5.01 11.40
C CYS A 119 2.19 5.57 10.18
N LEU A 120 2.41 6.90 10.21
CA LEU A 120 3.31 7.44 9.15
C LEU A 120 4.64 7.74 9.82
N PRO A 121 5.75 7.45 9.17
CA PRO A 121 7.07 7.65 9.72
C PRO A 121 7.46 9.10 9.95
N ASP A 122 8.26 9.31 10.99
CA ASP A 122 8.90 10.61 11.21
C ASP A 122 10.32 10.47 10.71
N ARG A 123 11.11 11.57 10.71
CA ARG A 123 12.47 11.46 10.17
C ARG A 123 13.30 10.35 10.78
N GLU A 124 13.20 10.15 12.11
CA GLU A 124 14.06 9.15 12.75
C GLU A 124 13.62 7.72 12.37
N THR A 125 12.32 7.53 12.26
CA THR A 125 11.76 6.27 11.82
C THR A 125 12.40 5.89 10.49
N ALA A 126 12.33 6.83 9.52
CA ALA A 126 12.87 6.55 8.21
C ALA A 126 14.37 6.29 8.19
N ALA A 127 15.11 7.07 8.99
CA ALA A 127 16.57 6.94 9.02
C ALA A 127 16.97 5.57 9.54
N SER A 128 16.30 5.14 10.60
CA SER A 128 16.60 3.85 11.21
C SER A 128 16.07 2.64 10.45
N LEU A 129 14.90 2.71 9.81
CA LEU A 129 14.40 1.51 9.13
C LEU A 129 14.67 1.40 7.65
N LEU A 130 14.80 2.52 6.93
CA LEU A 130 14.99 2.43 5.47
C LEU A 130 16.44 2.20 5.07
N GLN A 131 16.91 0.98 5.24
CA GLN A 131 18.28 0.60 5.04
C GLN A 131 18.27 -0.64 4.18
N ALA A 132 19.27 -0.77 3.32
CA ALA A 132 19.34 -1.99 2.51
C ALA A 132 19.42 -3.24 3.36
N GLY A 133 18.68 -4.28 2.97
CA GLY A 133 18.61 -5.55 3.72
C GLY A 133 17.47 -5.58 4.73
N TYR A 134 17.01 -4.46 5.23
CA TYR A 134 15.84 -4.47 6.16
C TYR A 134 14.60 -4.82 5.32
N LYS A 135 13.76 -5.69 5.87
CA LYS A 135 12.59 -6.12 5.09
C LYS A 135 11.35 -5.33 5.49
N GLY A 136 10.50 -5.08 4.49
CA GLY A 136 9.18 -4.49 4.72
C GLY A 136 8.15 -5.50 4.20
N ARG A 137 6.89 -5.13 4.28
CA ARG A 137 5.80 -6.04 3.91
C ARG A 137 4.89 -5.37 2.92
N VAL A 138 4.57 -6.08 1.82
CA VAL A 138 3.65 -5.45 0.85
C VAL A 138 2.39 -6.29 0.75
N THR A 139 1.23 -5.65 0.61
CA THR A 139 -0.02 -6.36 0.66
C THR A 139 -0.96 -5.87 -0.45
N GLY A 140 -1.74 -6.79 -1.04
CA GLY A 140 -2.65 -6.32 -2.11
C GLY A 140 -3.43 -7.47 -2.76
N TRP A 141 -4.44 -7.05 -3.52
CA TRP A 141 -5.27 -8.04 -4.21
C TRP A 141 -4.89 -8.05 -5.69
N GLY A 142 -3.72 -7.61 -6.07
CA GLY A 142 -3.36 -7.56 -7.49
C GLY A 142 -3.04 -8.97 -7.99
N ASN A 143 -2.69 -9.00 -9.29
CA ASN A 143 -2.41 -10.26 -9.95
C ASN A 143 -1.40 -11.14 -9.23
N LEU A 144 -1.65 -12.46 -9.34
CA LEU A 144 -0.72 -13.44 -8.81
C LEU A 144 0.45 -13.72 -9.75
N LYS A 145 0.32 -13.38 -11.03
CA LYS A 145 1.35 -13.60 -12.02
C LYS A 145 1.43 -12.43 -12.98
N GLU A 146 2.58 -12.20 -13.59
CA GLU A 146 2.69 -11.14 -14.59
C GLU A 146 1.69 -11.35 -15.73
N THR A 147 1.53 -12.61 -16.12
CA THR A 147 0.48 -12.91 -17.10
C THR A 147 -0.01 -14.35 -16.98
N TRP A 148 -1.29 -14.57 -17.26
CA TRP A 148 -1.83 -15.92 -17.19
C TRP A 148 -2.86 -16.21 -18.28
N GLY A 149 -2.85 -15.55 -12.57
CA GLY A 149 -4.21 -15.64 -12.10
C GLY A 149 -4.66 -14.60 -11.08
N GLN A 150 -5.93 -14.71 -10.72
CA GLN A 150 -6.57 -13.98 -9.66
C GLN A 150 -7.41 -15.06 -8.90
N PRO A 151 -6.29 -13.19 -6.84
CA PRO A 151 -6.42 -14.10 -5.71
C PRO A 151 -7.80 -14.13 -5.11
N SER A 152 -8.05 -15.11 -4.23
CA SER A 152 -9.30 -15.19 -3.51
C SER A 152 -9.28 -14.22 -2.32
N VAL A 153 -8.08 -14.17 -1.76
CA VAL A 153 -7.88 -13.39 -0.53
C VAL A 153 -6.67 -12.47 -0.55
N LEU A 154 -6.71 -11.46 0.34
CA LEU A 154 -5.55 -10.56 0.42
C LEU A 154 -4.26 -11.35 0.44
N GLN A 155 -3.26 -10.88 -0.31
CA GLN A 155 -1.94 -11.51 -0.31
C GLN A 155 -0.89 -10.66 0.42
N VAL A 156 0.12 -11.32 0.91
CA VAL A 156 1.19 -10.65 1.66
C VAL A 156 2.56 -11.16 1.19
N VAL A 157 3.56 -10.30 1.17
CA VAL A 157 4.92 -10.76 0.89
C VAL A 157 5.93 -9.86 1.58
N ASN A 158 6.95 -10.47 2.19
CA ASN A 158 7.98 -9.67 2.87
C ASN A 158 9.18 -9.58 1.93
N LEU A 159 9.73 -8.39 1.75
CA LEU A 159 10.82 -8.15 0.78
C LEU A 159 11.86 -7.18 1.31
N PRO A 160 13.14 -7.43 1.04
CA PRO A 160 14.18 -6.56 1.52
C PRO A 160 14.38 -5.29 0.71
N ILE A 161 14.68 -4.18 1.36
CA ILE A 161 15.01 -2.95 0.68
C ILE A 161 16.37 -3.11 -0.01
N VAL A 162 16.47 -2.57 -1.21
CA VAL A 162 17.68 -2.78 -2.03
C VAL A 162 18.54 -1.53 -2.10
N GLU A 163 19.89 -1.74 -2.10
CA GLU A 163 20.84 -0.65 -2.17
C GLU A 163 20.54 0.27 -3.37
N ARG A 164 20.73 1.58 -3.21
CA ARG A 164 20.30 2.49 -4.26
C ARG A 164 21.01 2.29 -5.59
N PRO A 165 22.29 2.01 -5.61
CA PRO A 165 23.02 1.70 -6.83
C PRO A 165 22.50 0.47 -7.55
N VAL A 166 22.07 -0.57 -6.85
CA VAL A 166 21.50 -1.78 -7.42
C VAL A 166 20.13 -1.51 -8.02
N CYS A 167 19.28 -0.73 -7.31
CA CYS A 167 18.03 -0.27 -7.91
C CYS A 167 18.32 0.44 -9.26
N LYS A 168 19.24 1.41 -9.22
CA LYS A 168 19.50 2.23 -10.41
C LYS A 168 20.02 1.40 -11.58
N ASP A 169 20.92 0.48 -11.27
CA ASP A 169 21.48 -0.39 -12.31
C ASP A 169 20.51 -1.41 -12.85
N SER A 170 19.32 -1.57 -12.27
CA SER A 170 18.36 -2.54 -12.77
C SER A 170 17.41 -1.96 -13.80
N THR A 171 17.42 -0.64 -14.04
CA THR A 171 16.36 -0.02 -14.79
C THR A 171 16.89 1.09 -15.70
N ARG A 172 16.12 1.40 -16.72
CA ARG A 172 16.39 2.53 -17.59
C ARG A 172 15.61 3.74 -17.12
N ILE A 173 14.63 3.55 -16.20
CA ILE A 173 13.87 4.66 -15.66
C ILE A 173 14.76 5.52 -14.76
N ARG A 174 14.55 6.84 -14.84
CA ARG A 174 15.20 7.77 -13.92
C ARG A 174 14.62 7.64 -12.51
N ILE A 175 15.47 7.21 -11.59
CA ILE A 175 15.09 7.05 -10.17
C ILE A 175 15.30 8.33 -9.39
N THR A 176 14.40 8.72 -8.47
CA THR A 176 14.62 9.96 -7.72
C THR A 176 14.71 9.61 -6.24
N ASP A 177 14.93 10.64 -5.42
CA ASP A 177 15.02 10.42 -3.98
C ASP A 177 13.64 10.16 -3.39
N ASN A 178 12.57 10.36 -4.18
CA ASN A 178 11.21 10.11 -3.69
C ASN A 178 10.83 8.63 -3.86
N MET A 179 11.79 7.85 -4.37
CA MET A 179 11.53 6.44 -4.58
C MET A 179 12.55 5.57 -3.85
N PHE A 180 12.17 4.30 -3.59
CA PHE A 180 13.11 3.30 -3.12
C PHE A 180 12.70 1.97 -3.77
N CYS A 181 13.64 1.01 -3.84
CA CYS A 181 13.24 -0.25 -4.46
C CYS A 181 13.51 -1.43 -3.50
N ALA A 182 12.74 -2.48 -3.71
CA ALA A 182 12.77 -3.65 -2.83
C ALA A 182 12.54 -4.93 -3.63
N GLY A 183 13.04 -6.04 -3.08
CA GLY A 183 12.94 -7.36 -3.69
C GLY A 183 14.28 -8.09 -3.54
N TYR A 184 14.19 -9.40 -3.77
CA TYR A 184 15.38 -10.24 -3.66
C TYR A 184 16.17 -10.20 -4.99
N LYS A 185 17.47 -10.39 -4.85
CA LYS A 185 18.30 -10.54 -6.05
C LYS A 185 18.22 -11.97 -6.52
N PRO A 186 18.57 -12.22 -7.78
CA PRO A 186 18.63 -13.57 -8.34
C PRO A 186 19.38 -14.54 -7.45
N ASP A 187 20.55 -14.19 -6.94
CA ASP A 187 21.38 -15.03 -6.08
C ASP A 187 20.75 -15.35 -4.73
N GLU A 188 19.77 -14.57 -4.28
CA GLU A 188 19.13 -14.78 -3.00
C GLU A 188 18.17 -15.94 -2.97
N GLY A 189 17.68 -16.49 -4.07
CA GLY A 189 16.81 -17.65 -4.01
C GLY A 189 15.49 -17.52 -3.30
N LYS A 190 15.01 -16.29 -3.14
CA LYS A 190 13.67 -16.08 -2.58
C LYS A 190 12.99 -15.17 -3.62
N ARG A 191 11.66 -15.18 -3.67
CA ARG A 191 11.06 -14.36 -4.73
C ARG A 191 9.98 -13.43 -4.14
N GLY A 192 9.27 -12.75 -5.03
CA GLY A 192 8.10 -11.96 -4.53
C GLY A 192 8.17 -10.54 -5.11
N ASP A 193 6.98 -10.04 -5.44
CA ASP A 193 6.87 -8.70 -5.97
C ASP A 193 5.40 -8.28 -5.92
N ALA A 194 5.22 -6.97 -6.09
CA ALA A 194 3.88 -6.48 -6.32
C ALA A 194 3.58 -6.67 -7.82
N CYS A 195 2.31 -6.67 -8.17
CA CYS A 195 1.94 -6.78 -9.60
C CYS A 195 0.73 -5.93 -9.90
N GLU A 196 0.22 -5.93 -11.13
CA GLU A 196 -0.93 -5.13 -11.51
C GLU A 196 -2.10 -5.19 -10.53
N GLY A 197 -2.52 -4.04 -10.02
CA GLY A 197 -3.64 -4.01 -9.08
C GLY A 197 -3.17 -3.81 -7.62
N ASP A 198 -1.88 -3.96 -7.37
CA ASP A 198 -1.29 -3.78 -6.05
C ASP A 198 -0.88 -2.33 -5.84
N SER A 199 -0.79 -1.56 -6.97
CA SER A 199 -0.40 -0.15 -6.83
C SER A 199 -1.26 0.57 -5.83
N GLY A 200 -0.64 1.48 -5.08
CA GLY A 200 -1.36 2.32 -4.13
C GLY A 200 -1.33 1.67 -2.73
N GLY A 201 -1.13 0.35 -2.69
CA GLY A 201 -1.17 -0.31 -1.36
C GLY A 201 0.14 0.04 -0.63
N PRO A 202 0.22 -0.42 0.63
CA PRO A 202 1.32 -0.06 1.48
C PRO A 202 2.47 -1.05 1.55
N PHE A 203 3.66 -0.47 1.71
CA PHE A 203 4.88 -1.22 2.07
C PHE A 203 5.13 -0.82 3.52
N VAL A 204 5.00 -1.78 4.46
CA VAL A 204 5.05 -1.38 5.86
C VAL A 204 6.20 -2.11 6.56
N MET A 205 6.65 -1.52 7.65
CA MET A 205 7.72 -2.12 8.49
C MET A 205 7.28 -2.02 9.96
N LYS A 206 7.78 -2.95 10.77
CA LYS A 206 7.38 -2.87 12.20
C LYS A 206 8.57 -2.39 13.01
N SER A 207 8.45 -1.20 13.59
CA SER A 207 9.63 -0.71 14.30
C SER A 207 9.98 -1.64 15.47
N PRO A 208 11.24 -2.00 15.60
CA PRO A 208 11.68 -2.79 16.73
C PRO A 208 11.85 -1.92 17.97
N PHE A 209 11.77 -0.62 17.90
CA PHE A 209 11.89 0.28 19.04
C PHE A 209 10.57 0.44 19.76
N ASN A 210 9.47 0.60 19.00
CA ASN A 210 8.20 0.83 19.66
C ASN A 210 7.10 -0.17 19.30
N ASN A 211 7.43 -1.19 18.51
CA ASN A 211 6.55 -2.28 18.15
C ASN A 211 5.34 -1.80 17.35
N ARG A 212 5.41 -0.67 16.67
CA ARG A 212 4.31 -0.21 15.84
C ARG A 212 4.63 -0.41 14.35
N TRP A 213 3.56 -0.57 13.57
CA TRP A 213 3.78 -0.65 12.12
C TRP A 213 3.74 0.75 11.51
N TYR A 214 4.71 1.02 10.66
CA TYR A 214 4.80 2.25 9.90
C TYR A 214 4.75 2.00 8.39
N GLN A 215 4.05 2.88 7.67
CA GLN A 215 3.99 2.76 6.23
C GLN A 215 5.13 3.56 5.58
N MET A 216 6.14 2.84 5.11
CA MET A 216 7.36 3.52 4.62
C MET A 216 7.16 3.77 3.12
N GLY A 217 6.36 2.90 2.45
CA GLY A 217 6.31 3.08 0.97
C GLY A 217 4.89 2.95 0.44
N ILE A 218 4.72 3.31 -0.83
CA ILE A 218 3.46 3.06 -1.53
C ILE A 218 3.83 2.29 -2.79
N VAL A 219 3.15 1.16 -3.07
CA VAL A 219 3.43 0.45 -4.32
C VAL A 219 3.26 1.38 -5.53
N SER A 220 4.39 1.59 -6.25
CA SER A 220 4.30 2.55 -7.38
C SER A 220 4.52 1.91 -8.74
N TRP A 221 5.68 1.33 -9.03
CA TRP A 221 5.89 0.77 -10.35
C TRP A 221 6.90 -0.34 -10.34
N GLY A 222 6.91 -1.03 -11.48
CA GLY A 222 7.89 -2.12 -11.63
C GLY A 222 7.86 -2.60 -13.09
N GLU A 223 8.99 -3.15 -13.50
CA GLU A 223 9.14 -3.63 -14.90
C GLU A 223 8.76 -5.09 -14.89
N GLY A 224 7.47 -5.32 -15.07
CA GLY A 224 6.88 -6.66 -15.03
C GLY A 224 6.66 -7.00 -13.55
N CYS A 225 6.50 -8.28 -13.30
CA CYS A 225 6.26 -8.72 -11.92
C CYS A 225 7.13 -9.92 -11.58
N ASP A 226 7.98 -9.76 -10.55
CA ASP A 226 8.79 -10.83 -10.05
C ASP A 226 9.76 -11.32 -11.13
N ARG A 227 10.28 -10.40 -11.93
CA ARG A 227 11.31 -10.81 -12.91
C ARG A 227 12.67 -10.84 -12.23
N ASP A 228 13.49 -11.85 -12.56
CA ASP A 228 14.86 -11.86 -12.06
C ASP A 228 15.62 -10.61 -12.50
N GLY A 229 16.29 -9.98 -11.56
CA GLY A 229 17.12 -8.81 -11.80
C GLY A 229 16.31 -7.52 -11.90
N LYS A 230 15.00 -7.58 -11.67
CA LYS A 230 14.24 -6.33 -11.60
C LYS A 230 13.79 -6.21 -10.12
N TYR A 231 13.30 -5.04 -9.73
CA TYR A 231 12.86 -4.80 -8.38
C TYR A 231 11.62 -3.92 -8.39
N GLY A 232 10.78 -4.04 -7.34
CA GLY A 232 9.63 -3.13 -7.33
C GLY A 232 10.05 -1.78 -6.77
N PHE A 233 9.38 -0.73 -7.22
CA PHE A 233 9.69 0.62 -6.77
C PHE A 233 8.48 1.16 -6.02
N TYR A 234 8.79 1.88 -4.94
CA TYR A 234 7.82 2.37 -4.01
C TYR A 234 7.98 3.87 -3.78
N THR A 235 6.87 4.58 -3.63
CA THR A 235 6.99 5.98 -3.23
C THR A 235 7.53 6.05 -1.82
N HIS A 236 8.43 6.99 -1.61
CA HIS A 236 9.05 7.15 -0.26
C HIS A 236 8.20 8.05 0.58
N VAL A 237 7.39 7.49 1.48
CA VAL A 237 6.37 8.25 2.21
C VAL A 237 7.00 9.32 3.06
N PHE A 238 8.07 9.04 3.82
CA PHE A 238 8.65 10.11 4.65
C PHE A 238 9.12 11.30 3.84
N ARG A 239 9.69 11.07 2.67
CA ARG A 239 10.12 12.24 1.86
C ARG A 239 8.96 13.11 1.46
N LEU A 240 7.72 12.62 1.36
CA LEU A 240 6.59 13.39 0.93
C LEU A 240 5.68 13.77 2.08
N LYS A 241 6.15 13.55 3.32
CA LYS A 241 5.35 13.81 4.49
C LYS A 241 4.98 15.27 4.67
N LYS A 242 5.89 16.19 4.36
CA LYS A 242 5.49 17.62 4.47
C LYS A 242 4.24 17.92 3.64
N TRP A 243 4.18 17.40 2.43
CA TRP A 243 2.99 17.52 1.59
C TRP A 243 1.76 16.88 2.22
N ILE A 244 1.90 15.66 2.80
CA ILE A 244 0.82 15.00 3.50
C ILE A 244 0.24 15.86 4.64
N GLN A 245 1.10 16.34 5.51
CA GLN A 245 0.83 17.23 6.62
C GLN A 245 0.06 18.47 6.21
N LYS A 246 0.56 19.11 5.15
CA LYS A 246 -0.03 20.33 4.61
C LYS A 246 -1.44 20.13 4.13
N VAL A 247 -1.74 19.03 3.41
CA VAL A 247 -3.11 18.87 2.97
C VAL A 247 -4.00 18.46 4.14
N ILE A 248 -3.48 17.65 5.08
CA ILE A 248 -4.39 17.30 6.18
C ILE A 248 -4.63 18.50 7.09
N ASP A 249 -3.61 19.32 7.39
CA ASP A 249 -3.97 20.41 8.31
C ASP A 249 -4.73 21.53 7.62
N GLN A 250 -4.63 21.67 6.32
CA GLN A 250 -5.42 22.68 5.59
C GLN A 250 -6.85 22.21 5.40
N PHE A 251 -7.06 20.89 5.19
CA PHE A 251 -8.41 20.46 4.86
C PHE A 251 -9.07 19.42 5.74
N GLY A 252 -8.37 18.76 6.65
CA GLY A 252 -8.96 17.60 7.28
C GLY A 252 -9.14 17.43 8.75
N GLU A 253 -9.33 16.15 9.10
CA GLU A 253 -9.55 15.67 10.45
C GLU A 253 -8.30 15.86 11.31
N ASP B 1 -17.60 -10.80 -11.65
CA ASP B 1 -16.77 -11.59 -10.68
C ASP B 1 -16.89 -11.04 -9.27
N PHE B 2 -17.16 -9.73 -9.17
CA PHE B 2 -17.34 -9.11 -7.88
C PHE B 2 -18.78 -9.20 -7.39
N GLU B 3 -18.95 -9.68 -6.16
CA GLU B 3 -20.28 -9.80 -5.59
C GLU B 3 -20.91 -8.43 -5.40
N GLU B 4 -22.20 -8.38 -5.74
CA GLU B 4 -23.01 -7.17 -5.59
C GLU B 4 -22.88 -6.55 -4.21
N ILE B 5 -22.76 -5.22 -4.15
CA ILE B 5 -22.68 -4.49 -2.88
C ILE B 5 -24.03 -3.78 -2.71
N PRO B 6 -24.44 -3.57 -1.48
CA PRO B 6 -25.72 -2.92 -1.20
C PRO B 6 -25.86 -1.64 -1.99
N GLU B 7 -27.08 -1.33 -2.50
CA GLU B 7 -27.23 -0.12 -3.31
C GLU B 7 -27.14 1.17 -2.51
N GLU B 8 -27.24 1.14 -1.18
CA GLU B 8 -26.94 2.33 -0.38
C GLU B 8 -25.58 2.91 -0.78
N LEU B 10 -23.97 2.62 -3.84
CA LEU B 10 -23.83 2.99 -5.24
C LEU B 10 -24.66 4.20 -5.62
N ALA C 1 -1.56 7.57 17.15
CA ALA C 1 -2.13 7.61 18.55
C ALA C 1 -2.01 6.17 19.10
N ASP C 2 -2.99 5.39 18.64
CA ASP C 2 -2.95 3.95 18.67
C ASP C 2 -2.58 3.43 17.26
N CYS C 3 -2.00 4.33 16.44
CA CYS C 3 -1.74 3.88 15.05
C CYS C 3 -0.81 2.70 15.10
N GLY C 4 -0.92 1.81 14.11
CA GLY C 4 0.09 0.77 13.88
C GLY C 4 0.07 -0.37 14.89
N LEU C 5 -0.92 -0.41 15.77
CA LEU C 5 -1.04 -1.51 16.72
C LEU C 5 -2.34 -2.25 16.37
N ARG C 6 -2.16 -3.48 15.89
CA ARG C 6 -3.34 -4.20 15.38
C ARG C 6 -4.15 -4.80 16.51
N PRO C 7 -5.46 -4.70 16.43
CA PRO C 7 -6.34 -5.29 17.46
C PRO C 7 -6.18 -6.78 17.63
N LEU C 8 -5.91 -7.50 16.54
CA LEU C 8 -5.83 -8.97 16.63
C LEU C 8 -4.39 -9.45 16.82
N PHE C 9 -3.44 -8.54 16.91
CA PHE C 9 -2.04 -9.00 17.06
C PHE C 9 -1.33 -8.22 18.15
N GLU C 10 -0.84 -7.00 17.93
CA GLU C 10 -0.14 -6.29 19.00
C GLU C 10 -1.03 -6.02 20.22
N LYS C 11 -2.31 -5.65 20.00
CA LYS C 11 -3.13 -5.35 21.16
C LYS C 11 -3.35 -6.55 22.05
N LYS C 12 -3.29 -7.80 21.59
CA LYS C 12 -3.47 -8.99 22.39
C LYS C 12 -2.14 -9.70 22.62
N SER C 13 -1.05 -9.06 22.22
CA SER C 13 0.30 -9.68 22.29
C SER C 13 0.36 -11.00 21.55
N LEU C 14 -0.21 -11.06 20.32
CA LEU C 14 -0.08 -12.23 19.46
C LEU C 14 0.76 -11.81 18.25
N GLU C 15 1.59 -12.71 17.76
CA GLU C 15 2.45 -12.34 16.63
C GLU C 15 1.83 -12.96 15.39
N ASP C 16 2.02 -12.34 14.22
CA ASP C 16 1.57 -13.04 13.00
C ASP C 16 2.68 -13.98 12.55
N LYS C 17 2.46 -14.84 11.56
CA LYS C 17 3.43 -15.89 11.22
C LYS C 17 4.72 -15.45 10.57
N THR C 18 4.88 -14.24 10.05
CA THR C 18 6.14 -13.87 9.40
C THR C 18 6.69 -12.54 9.95
N GLU C 19 6.06 -11.94 10.96
CA GLU C 19 6.70 -10.67 11.43
C GLU C 19 8.09 -10.91 11.98
N ARG C 20 8.40 -12.09 12.54
CA ARG C 20 9.73 -12.38 13.01
C ARG C 20 10.79 -12.28 11.92
N GLU C 21 10.47 -12.62 10.67
CA GLU C 21 11.40 -12.44 9.56
C GLU C 21 11.82 -10.98 9.40
N LEU C 22 10.83 -10.08 9.56
CA LEU C 22 11.15 -8.65 9.47
C LEU C 22 12.12 -8.25 10.58
N LEU C 23 11.74 -8.61 11.78
CA LEU C 23 12.51 -8.18 13.01
C LEU C 23 13.87 -8.86 12.94
N GLU C 24 14.07 -10.02 12.31
CA GLU C 24 15.43 -10.58 12.18
C GLU C 24 16.31 -9.86 11.15
N SER C 25 15.68 -9.13 10.23
CA SER C 25 16.38 -8.34 9.22
C SER C 25 16.79 -6.97 9.77
N TYR C 26 16.23 -6.57 10.92
CA TYR C 26 16.54 -5.24 11.48
C TYR C 26 17.75 -5.30 12.41
N ILE C 27 18.88 -5.09 11.75
CA ILE C 27 20.21 -5.19 12.31
C ILE C 27 20.64 -6.65 12.36
#